data_3H8T
#
_entry.id   3H8T
#
_cell.length_a   93.740
_cell.length_b   93.740
_cell.length_c   113.730
_cell.angle_alpha   90.00
_cell.angle_beta   90.00
_cell.angle_gamma   90.00
#
_symmetry.space_group_name_H-M   'P 42 21 2'
#
loop_
_entity.id
_entity.type
_entity.pdbx_description
1 polymer HmuY
2 non-polymer 'PROTOPORPHYRIN IX CONTAINING FE'
3 non-polymer GLYCEROL
4 non-polymer 'SULFATE ION'
5 water water
#
_entity_poly.entity_id   1
_entity_poly.type   'polypeptide(L)'
_entity_poly.pdbx_seq_one_letter_code
;DEPNQPSTPEAVTKTVTIDASKYETWQYFSFSKGEVVNVTDYKNDLNWDMALHRYDVRLNCGESGKGKGGAVFSGKTEMD
QATTVPTDGYTVDVLGRITVKYEMGPDGHQMEYEEQGFSEVITGKKNAQGFASGGWLEFSHGPAGPTYKLSKRVFFVRGA
DGNIAKVQFTDYQDAELKKGVITFTYTYPVK
;
_entity_poly.pdbx_strand_id   A,B
#
# COMPACT_ATOMS: atom_id res chain seq x y z
N GLU A 10 43.46 24.21 -14.09
CA GLU A 10 42.13 24.70 -14.54
C GLU A 10 41.06 23.71 -14.08
N ALA A 11 39.84 23.85 -14.59
CA ALA A 11 38.71 23.04 -14.09
C ALA A 11 38.82 21.59 -14.54
N VAL A 12 38.59 20.67 -13.60
CA VAL A 12 38.58 19.24 -13.88
C VAL A 12 37.15 18.74 -13.68
N THR A 13 36.69 17.86 -14.55
CA THR A 13 35.36 17.24 -14.41
C THR A 13 35.50 15.78 -13.98
N LYS A 14 34.77 15.40 -12.93
CA LYS A 14 34.74 14.03 -12.45
C LYS A 14 33.32 13.58 -12.10
N THR A 15 33.09 12.28 -12.14
CA THR A 15 31.86 11.71 -11.57
C THR A 15 32.18 11.05 -10.23
N VAL A 16 31.25 11.13 -9.32
CA VAL A 16 31.41 10.62 -7.96
C VAL A 16 30.17 9.81 -7.59
N THR A 17 30.35 8.63 -7.00
CA THR A 17 29.23 7.88 -6.47
C THR A 17 29.47 7.63 -5.00
N ILE A 18 28.48 7.94 -4.18
CA ILE A 18 28.59 7.81 -2.72
C ILE A 18 27.36 7.09 -2.18
N ASP A 19 27.58 6.10 -1.31
CA ASP A 19 26.43 5.42 -0.70
C ASP A 19 25.93 6.21 0.52
N ALA A 20 24.80 6.90 0.34
CA ALA A 20 24.21 7.71 1.40
C ALA A 20 22.90 7.05 1.83
N SER A 21 22.88 5.71 1.78
CA SER A 21 21.64 4.97 2.07
C SER A 21 21.27 4.95 3.56
N LYS A 22 22.26 5.15 4.43
CA LYS A 22 22.02 5.15 5.87
C LYS A 22 21.21 6.38 6.29
N TYR A 23 20.18 6.18 7.12
CA TYR A 23 19.34 7.31 7.57
C TYR A 23 19.98 8.10 8.72
N GLU A 24 20.82 7.43 9.51
CA GLU A 24 21.30 8.04 10.76
C GLU A 24 22.42 9.07 10.58
N THR A 25 23.13 9.01 9.44
CA THR A 25 24.36 9.79 9.28
C THR A 25 24.40 10.49 7.93
N TRP A 26 25.37 11.37 7.75
CA TRP A 26 25.62 12.04 6.46
C TRP A 26 26.97 11.58 5.95
N GLN A 27 27.13 11.59 4.63
CA GLN A 27 28.41 11.38 3.96
C GLN A 27 28.98 12.72 3.53
N TYR A 28 30.20 13.01 3.96
CA TYR A 28 30.83 14.32 3.72
C TYR A 28 31.87 14.21 2.62
N PHE A 29 31.86 15.18 1.71
CA PHE A 29 32.72 15.14 0.52
C PHE A 29 33.52 16.42 0.37
N SER A 30 34.77 16.28 -0.07
CA SER A 30 35.65 17.41 -0.36
C SER A 30 35.84 17.54 -1.86
N PHE A 31 35.54 18.72 -2.40
CA PHE A 31 35.70 18.96 -3.84
C PHE A 31 37.18 18.86 -4.22
N SER A 32 38.04 19.46 -3.42
CA SER A 32 39.47 19.51 -3.75
C SER A 32 40.13 18.13 -3.61
N LYS A 33 39.75 17.38 -2.58
CA LYS A 33 40.35 16.05 -2.36
C LYS A 33 39.76 15.04 -3.34
N GLY A 34 38.52 15.26 -3.77
CA GLY A 34 37.79 14.32 -4.61
C GLY A 34 37.44 13.04 -3.87
N GLU A 35 37.31 13.14 -2.55
CA GLU A 35 37.10 11.98 -1.68
C GLU A 35 36.11 12.29 -0.61
N VAL A 36 35.48 11.25 -0.08
CA VAL A 36 34.72 11.36 1.15
C VAL A 36 35.70 11.66 2.27
N VAL A 37 35.34 12.58 3.15
CA VAL A 37 36.19 12.91 4.31
C VAL A 37 35.47 12.56 5.61
N ASN A 38 36.22 12.31 6.69
CA ASN A 38 35.61 12.03 7.99
C ASN A 38 35.39 13.32 8.77
N VAL A 39 34.15 13.50 9.24
CA VAL A 39 33.75 14.76 9.87
C VAL A 39 33.00 14.45 11.17
N THR A 40 33.53 14.91 12.30
CA THR A 40 32.86 14.64 13.58
C THR A 40 32.19 15.88 14.17
N ASP A 41 32.51 17.05 13.64
CA ASP A 41 31.94 18.30 14.15
C ASP A 41 31.62 19.16 12.93
N TYR A 42 30.57 18.78 12.20
CA TYR A 42 30.35 19.37 10.87
C TYR A 42 30.13 20.88 10.88
N LYS A 43 29.58 21.41 11.98
CA LYS A 43 29.26 22.83 12.08
C LYS A 43 30.52 23.67 12.30
N ASN A 44 31.63 23.01 12.56
CA ASN A 44 32.88 23.70 12.87
C ASN A 44 34.05 22.98 12.20
N ASP A 45 33.95 22.80 10.88
CA ASP A 45 34.96 22.03 10.15
C ASP A 45 34.95 22.49 8.70
N LEU A 46 36.05 23.09 8.26
CA LEU A 46 36.12 23.61 6.88
C LEU A 46 36.62 22.59 5.84
N ASN A 47 36.80 21.33 6.25
CA ASN A 47 37.41 20.31 5.41
C ASN A 47 36.40 19.59 4.49
N TRP A 48 35.12 19.91 4.64
CA TRP A 48 34.08 19.32 3.76
C TRP A 48 33.33 20.41 2.99
N ASP A 49 32.86 20.08 1.79
CA ASP A 49 32.17 21.05 0.93
C ASP A 49 30.71 20.70 0.67
N MET A 50 30.41 19.42 0.61
CA MET A 50 29.05 18.98 0.30
C MET A 50 28.80 17.67 1.04
N ALA A 51 27.60 17.51 1.60
CA ALA A 51 27.27 16.30 2.35
C ALA A 51 25.97 15.73 1.86
N LEU A 52 25.87 14.41 1.86
CA LEU A 52 24.70 13.71 1.36
C LEU A 52 24.10 12.81 2.43
N HIS A 53 22.77 12.77 2.47
CA HIS A 53 22.03 11.87 3.35
C HIS A 53 20.77 11.50 2.59
N ARG A 54 20.65 10.22 2.24
CA ARG A 54 19.56 9.78 1.36
C ARG A 54 19.54 10.76 0.18
N TYR A 55 18.44 11.49 -0.06
CA TYR A 55 18.37 12.45 -1.19
C TYR A 55 18.54 13.90 -0.76
N ASP A 56 18.93 14.08 0.51
CA ASP A 56 19.23 15.41 1.04
C ASP A 56 20.66 15.81 0.75
N VAL A 57 20.85 17.10 0.54
CA VAL A 57 22.17 17.66 0.28
C VAL A 57 22.40 18.84 1.23
N ARG A 58 23.60 18.88 1.82
CA ARG A 58 23.99 19.91 2.78
C ARG A 58 25.30 20.58 2.32
N LEU A 59 25.40 21.89 2.55
CA LEU A 59 26.60 22.66 2.19
C LEU A 59 27.19 23.34 3.42
N ASN A 60 28.43 23.81 3.30
CA ASN A 60 29.16 24.26 4.48
C ASN A 60 28.93 25.75 4.66
N CYS A 61 27.76 26.08 5.21
CA CYS A 61 27.26 27.48 5.27
C CYS A 61 25.95 27.48 6.04
N GLY A 62 25.45 28.68 6.35
CA GLY A 62 24.12 28.81 6.92
C GLY A 62 23.95 27.97 8.16
N GLU A 63 22.85 27.24 8.23
CA GLU A 63 22.52 26.44 9.41
C GLU A 63 23.34 25.15 9.49
N SER A 64 24.14 24.89 8.45
CA SER A 64 24.92 23.64 8.38
C SER A 64 26.40 23.76 8.67
N GLY A 65 26.94 24.97 8.67
CA GLY A 65 28.36 25.10 8.93
C GLY A 65 28.85 26.52 8.86
N LYS A 66 30.11 26.71 9.20
CA LYS A 66 30.69 28.05 9.30
C LYS A 66 31.42 28.49 8.03
N GLY A 67 31.38 27.66 6.99
CA GLY A 67 32.09 27.95 5.76
C GLY A 67 31.46 29.00 4.86
N LYS A 68 32.05 29.16 3.68
CA LYS A 68 31.61 30.13 2.69
C LYS A 68 30.72 29.53 1.59
N GLY A 69 30.07 28.41 1.90
CA GLY A 69 29.29 27.66 0.91
C GLY A 69 27.97 28.29 0.52
N GLY A 70 27.28 27.68 -0.44
CA GLY A 70 25.94 28.11 -0.87
C GLY A 70 25.71 27.58 -2.27
N ALA A 71 24.48 27.69 -2.75
CA ALA A 71 24.10 27.08 -4.03
C ALA A 71 23.19 28.00 -4.82
N VAL A 72 23.32 27.93 -6.14
CA VAL A 72 22.36 28.59 -7.03
C VAL A 72 22.03 27.66 -8.20
N PHE A 73 20.76 27.58 -8.54
CA PHE A 73 20.34 26.89 -9.74
C PHE A 73 20.70 27.72 -10.98
N SER A 74 21.38 27.09 -11.95
CA SER A 74 21.91 27.78 -13.15
C SER A 74 20.81 28.15 -14.12
N GLY A 75 19.64 27.53 -13.97
CA GLY A 75 18.58 27.64 -14.97
C GLY A 75 18.66 26.61 -16.08
N LYS A 76 19.72 25.80 -16.10
CA LYS A 76 19.97 24.83 -17.18
C LYS A 76 19.88 23.39 -16.67
N THR A 77 19.69 22.46 -17.61
CA THR A 77 19.71 21.02 -17.27
C THR A 77 20.81 20.28 -18.04
N GLU A 78 21.71 21.04 -18.66
CA GLU A 78 22.88 20.48 -19.35
C GLU A 78 24.14 21.18 -18.92
N MET A 79 25.12 20.40 -18.45
CA MET A 79 26.36 20.95 -17.90
C MET A 79 27.00 21.89 -18.90
N ASP A 80 27.07 21.47 -20.17
CA ASP A 80 27.79 22.25 -21.16
C ASP A 80 27.08 23.55 -21.58
N GLN A 81 25.83 23.74 -21.13
CA GLN A 81 25.08 24.98 -21.40
C GLN A 81 25.20 26.02 -20.28
N ALA A 82 25.61 25.58 -19.09
CA ALA A 82 25.82 26.46 -17.96
C ALA A 82 27.27 26.92 -17.96
N THR A 83 27.53 27.97 -18.74
CA THR A 83 28.89 28.42 -19.03
C THR A 83 29.29 29.64 -18.19
N THR A 84 28.33 30.47 -17.83
CA THR A 84 28.63 31.65 -17.00
C THR A 84 28.48 31.30 -15.54
N VAL A 85 29.53 31.57 -14.75
CA VAL A 85 29.51 31.27 -13.34
C VAL A 85 28.93 32.48 -12.59
N PRO A 86 27.79 32.29 -11.90
CA PRO A 86 27.17 33.40 -11.19
C PRO A 86 28.08 33.93 -10.10
N THR A 87 28.00 35.23 -9.87
CA THR A 87 28.63 35.88 -8.73
C THR A 87 27.56 36.05 -7.63
N ASP A 88 26.28 35.99 -8.03
CA ASP A 88 25.16 36.33 -7.15
C ASP A 88 23.98 35.37 -7.19
N GLY A 89 23.20 35.39 -6.10
CA GLY A 89 21.98 34.59 -6.01
C GLY A 89 22.18 33.27 -5.27
N TYR A 90 23.32 33.11 -4.61
CA TYR A 90 23.63 31.88 -3.86
C TYR A 90 22.85 31.86 -2.54
N THR A 91 22.36 30.69 -2.17
CA THR A 91 21.53 30.57 -1.00
C THR A 91 22.25 29.66 -0.02
N VAL A 92 22.25 30.05 1.26
CA VAL A 92 22.89 29.22 2.29
C VAL A 92 21.89 28.26 2.91
N ASP A 93 22.39 27.24 3.60
CA ASP A 93 21.52 26.21 4.19
C ASP A 93 20.58 26.76 5.25
N VAL A 94 19.36 26.21 5.25
CA VAL A 94 18.33 26.54 6.24
C VAL A 94 17.93 25.29 7.02
N LEU A 95 17.17 25.48 8.09
CA LEU A 95 16.66 24.33 8.86
C LEU A 95 15.51 23.65 8.14
N GLY A 96 15.52 22.32 8.15
CA GLY A 96 14.45 21.54 7.58
C GLY A 96 14.39 20.15 8.20
N ARG A 97 13.32 19.41 7.90
CA ARG A 97 13.16 18.07 8.45
C ARG A 97 14.08 17.06 7.75
N ILE A 98 14.82 16.30 8.56
CA ILE A 98 15.71 15.23 8.09
C ILE A 98 15.26 13.93 8.75
N THR A 99 15.07 12.91 7.91
CA THR A 99 14.65 11.61 8.39
C THR A 99 15.86 10.85 8.92
N VAL A 100 15.88 10.61 10.22
CA VAL A 100 17.04 10.01 10.86
C VAL A 100 16.89 8.54 11.24
N LYS A 101 15.68 8.02 11.12
CA LYS A 101 15.40 6.61 11.40
C LYS A 101 14.22 6.19 10.51
N TYR A 102 14.28 4.96 10.02
CA TYR A 102 13.26 4.45 9.11
C TYR A 102 13.19 2.96 9.35
N GLU A 103 12.00 2.44 9.61
CA GLU A 103 11.85 1.00 9.72
C GLU A 103 10.44 0.57 9.32
N MET A 104 10.36 -0.38 8.39
CA MET A 104 9.09 -0.97 7.97
C MET A 104 8.61 -1.94 9.03
N GLY A 105 7.31 -1.92 9.27
CA GLY A 105 6.70 -2.82 10.26
C GLY A 105 5.23 -2.99 9.93
N PRO A 106 4.42 -3.49 10.88
CA PRO A 106 3.02 -3.84 10.56
C PRO A 106 2.16 -2.62 10.21
N ASP A 107 2.66 -1.43 10.55
CA ASP A 107 1.90 -0.21 10.34
C ASP A 107 2.56 0.67 9.29
N GLY A 108 3.37 0.07 8.43
CA GLY A 108 4.02 0.82 7.36
C GLY A 108 5.41 1.26 7.76
N HIS A 109 5.98 2.22 7.02
CA HIS A 109 7.30 2.77 7.40
C HIS A 109 7.21 3.78 8.55
N GLN A 110 7.77 3.41 9.70
CA GLN A 110 7.81 4.33 10.85
C GLN A 110 9.10 5.13 10.79
N MET A 111 9.01 6.44 10.92
CA MET A 111 10.17 7.29 10.78
C MET A 111 10.37 8.18 11.98
N GLU A 112 11.63 8.58 12.20
CA GLU A 112 11.93 9.61 13.17
C GLU A 112 12.68 10.72 12.47
N TYR A 113 12.51 11.95 12.98
CA TYR A 113 13.06 13.14 12.31
C TYR A 113 13.81 14.06 13.27
N GLU A 114 14.69 14.88 12.70
CA GLU A 114 15.36 15.96 13.40
C GLU A 114 15.34 17.16 12.48
N GLU A 115 15.22 18.35 13.04
CA GLU A 115 15.38 19.57 12.26
C GLU A 115 16.88 19.83 12.16
N GLN A 116 17.41 19.85 10.93
CA GLN A 116 18.84 20.09 10.74
C GLN A 116 19.03 21.01 9.53
N GLY A 117 20.26 21.51 9.38
CA GLY A 117 20.59 22.32 8.20
C GLY A 117 20.68 21.50 6.92
N PHE A 118 20.16 22.05 5.83
CA PHE A 118 20.29 21.42 4.51
C PHE A 118 20.18 22.52 3.43
N SER A 119 20.60 22.16 2.21
CA SER A 119 20.53 23.08 1.08
C SER A 119 19.17 22.89 0.38
N GLU A 120 18.24 23.82 0.61
CA GLU A 120 16.96 23.76 -0.06
C GLU A 120 17.08 23.87 -1.57
N VAL A 121 18.03 24.67 -2.06
CA VAL A 121 18.24 24.80 -3.51
C VAL A 121 18.55 23.45 -4.18
N ILE A 122 19.48 22.68 -3.61
CA ILE A 122 19.85 21.40 -4.22
C ILE A 122 18.88 20.27 -3.85
N THR A 123 18.44 20.26 -2.61
CA THR A 123 17.59 19.18 -2.11
C THR A 123 16.16 19.32 -2.68
N GLY A 124 15.70 20.56 -2.80
CA GLY A 124 14.26 20.81 -3.02
C GLY A 124 13.58 21.20 -1.73
N LYS A 125 12.36 21.72 -1.84
CA LYS A 125 11.55 22.04 -0.67
C LYS A 125 10.66 20.85 -0.35
N LYS A 126 10.57 20.52 0.94
CA LYS A 126 9.74 19.41 1.39
C LYS A 126 8.32 19.89 1.74
N ASN A 127 7.30 19.19 1.25
CA ASN A 127 5.92 19.61 1.56
C ASN A 127 5.39 19.01 2.85
N ALA A 128 4.08 19.13 3.07
CA ALA A 128 3.45 18.73 4.31
C ALA A 128 3.68 17.26 4.66
N GLN A 129 3.76 16.41 3.65
CA GLN A 129 3.93 14.97 3.91
C GLN A 129 5.39 14.52 3.75
N GLY A 130 6.27 15.49 3.52
CA GLY A 130 7.72 15.24 3.48
C GLY A 130 8.34 14.94 2.13
N PHE A 131 7.59 15.16 1.04
CA PHE A 131 8.11 14.95 -0.32
C PHE A 131 8.84 16.19 -0.82
N ALA A 132 10.07 16.02 -1.27
CA ALA A 132 10.89 17.11 -1.82
C ALA A 132 10.75 17.25 -3.35
N SER A 133 10.72 18.49 -3.82
CA SER A 133 10.71 18.74 -5.25
C SER A 133 11.36 20.10 -5.51
N GLY A 134 11.77 20.32 -6.75
CA GLY A 134 12.41 21.58 -7.13
C GLY A 134 13.93 21.57 -7.12
N GLY A 135 14.54 20.50 -6.58
CA GLY A 135 16.01 20.34 -6.51
C GLY A 135 16.51 19.31 -7.52
N TRP A 136 17.39 18.42 -7.08
CA TRP A 136 17.97 17.46 -8.00
C TRP A 136 17.11 16.24 -8.31
N LEU A 137 16.14 15.97 -7.43
CA LEU A 137 15.34 14.77 -7.55
C LEU A 137 13.89 15.09 -7.18
N GLU A 138 12.98 14.84 -8.12
CA GLU A 138 11.56 14.95 -7.82
C GLU A 138 11.13 13.60 -7.26
N PHE A 139 10.89 13.58 -5.96
CA PHE A 139 10.48 12.37 -5.28
C PHE A 139 9.01 12.44 -4.90
N SER A 140 8.25 11.42 -5.26
CA SER A 140 6.83 11.40 -4.90
C SER A 140 6.42 9.96 -4.59
N HIS A 141 5.12 9.70 -4.55
CA HIS A 141 4.61 8.34 -4.43
C HIS A 141 3.47 8.18 -5.42
N GLY A 142 3.29 6.95 -5.89
CA GLY A 142 2.00 6.56 -6.47
C GLY A 142 1.08 6.11 -5.33
N PRO A 143 0.06 5.30 -5.66
CA PRO A 143 -0.89 4.86 -4.62
C PRO A 143 -0.26 4.04 -3.51
N ALA A 144 0.91 3.44 -3.78
CA ALA A 144 1.45 2.48 -2.82
C ALA A 144 2.97 2.39 -2.85
N GLY A 145 3.63 3.50 -3.15
CA GLY A 145 5.09 3.50 -2.98
C GLY A 145 5.78 4.54 -3.83
N PRO A 146 7.12 4.51 -3.80
CA PRO A 146 7.93 5.62 -4.29
C PRO A 146 8.03 5.79 -5.83
N THR A 147 8.11 7.04 -6.26
CA THR A 147 8.46 7.38 -7.64
C THR A 147 9.61 8.39 -7.64
N TYR A 148 10.39 8.34 -8.71
CA TYR A 148 11.64 9.10 -8.80
C TYR A 148 11.75 9.72 -10.18
N LYS A 149 12.13 10.99 -10.22
CA LYS A 149 12.50 11.63 -11.48
C LYS A 149 13.70 12.53 -11.26
N LEU A 150 14.81 12.23 -11.95
CA LEU A 150 15.97 13.11 -11.92
C LEU A 150 15.62 14.40 -12.67
N SER A 151 15.89 15.56 -12.05
CA SER A 151 15.56 16.83 -12.68
C SER A 151 16.63 17.25 -13.68
N LYS A 152 17.85 16.75 -13.48
CA LYS A 152 19.06 17.14 -14.23
C LYS A 152 19.45 18.62 -14.06
N ARG A 153 18.86 19.29 -13.07
CA ARG A 153 19.20 20.67 -12.81
C ARG A 153 20.70 20.82 -12.54
N VAL A 154 21.30 21.83 -13.18
CA VAL A 154 22.71 22.12 -12.97
C VAL A 154 22.84 23.26 -11.95
N PHE A 155 23.66 23.03 -10.93
CA PHE A 155 23.86 23.95 -9.85
C PHE A 155 25.27 24.48 -9.85
N PHE A 156 25.43 25.73 -9.39
CA PHE A 156 26.74 26.23 -9.01
C PHE A 156 26.81 26.22 -7.50
N VAL A 157 27.89 25.63 -6.99
CA VAL A 157 27.98 25.27 -5.58
C VAL A 157 29.29 25.79 -5.03
N ARG A 158 29.21 26.77 -4.14
CA ARG A 158 30.38 27.23 -3.39
C ARG A 158 30.79 26.21 -2.32
N GLY A 159 32.07 25.86 -2.29
CA GLY A 159 32.62 25.02 -1.22
C GLY A 159 32.88 25.84 0.05
N ALA A 160 33.47 25.18 1.05
CA ALA A 160 33.73 25.78 2.35
C ALA A 160 34.63 27.02 2.23
N ASP A 161 35.55 27.01 1.28
CA ASP A 161 36.48 28.12 1.08
C ASP A 161 35.98 29.12 0.03
N GLY A 162 34.80 28.87 -0.53
CA GLY A 162 34.19 29.77 -1.51
C GLY A 162 34.47 29.46 -2.96
N ASN A 163 35.46 28.62 -3.24
CA ASN A 163 35.69 28.14 -4.60
C ASN A 163 34.48 27.36 -5.09
N ILE A 164 34.17 27.50 -6.38
CA ILE A 164 32.91 27.03 -6.95
C ILE A 164 33.04 25.76 -7.79
N ALA A 165 32.10 24.83 -7.57
CA ALA A 165 31.92 23.69 -8.45
C ALA A 165 30.61 23.81 -9.23
N LYS A 166 30.62 23.35 -10.47
CA LYS A 166 29.38 23.16 -11.25
C LYS A 166 29.00 21.69 -11.03
N VAL A 167 27.75 21.45 -10.61
CA VAL A 167 27.32 20.11 -10.12
C VAL A 167 26.00 19.70 -10.76
N GLN A 168 25.93 18.45 -11.20
CA GLN A 168 24.66 17.89 -11.65
C GLN A 168 24.56 16.45 -11.12
N PHE A 169 23.40 16.13 -10.54
CA PHE A 169 23.18 14.80 -10.00
C PHE A 169 22.61 13.91 -11.10
N THR A 170 23.24 12.75 -11.30
CA THR A 170 22.90 11.89 -12.43
C THR A 170 22.23 10.55 -12.06
N ASP A 171 22.26 10.18 -10.78
CA ASP A 171 21.56 8.96 -10.34
C ASP A 171 21.28 8.96 -8.85
N TYR A 172 20.22 8.26 -8.47
CA TYR A 172 19.80 8.14 -7.07
C TYR A 172 19.86 6.68 -6.59
N GLN A 173 20.31 5.79 -7.48
CA GLN A 173 20.42 4.37 -7.13
C GLN A 173 21.65 3.81 -7.84
N ASP A 174 22.18 2.70 -7.32
CA ASP A 174 23.35 2.09 -7.96
C ASP A 174 22.96 1.18 -9.13
N ALA A 175 23.93 0.46 -9.68
CA ALA A 175 23.68 -0.35 -10.87
C ALA A 175 22.91 -1.63 -10.55
N GLU A 176 22.76 -1.93 -9.25
CA GLU A 176 21.92 -3.03 -8.77
C GLU A 176 20.58 -2.53 -8.23
N LEU A 177 20.29 -1.26 -8.51
CA LEU A 177 19.07 -0.57 -8.11
C LEU A 177 18.90 -0.33 -6.59
N LYS A 178 20.02 -0.36 -5.86
CA LYS A 178 20.00 0.02 -4.44
C LYS A 178 19.74 1.52 -4.30
N LYS A 179 18.67 1.91 -3.60
CA LYS A 179 18.29 3.30 -3.46
C LYS A 179 19.18 4.00 -2.47
N GLY A 180 19.36 5.31 -2.65
CA GLY A 180 20.16 6.12 -1.73
C GLY A 180 21.64 6.09 -2.03
N VAL A 181 22.01 5.49 -3.17
CA VAL A 181 23.39 5.57 -3.64
C VAL A 181 23.41 6.67 -4.69
N ILE A 182 24.19 7.71 -4.43
CA ILE A 182 24.01 8.97 -5.15
C ILE A 182 25.20 9.19 -6.09
N THR A 183 24.90 9.55 -7.35
CA THR A 183 25.97 9.84 -8.31
C THR A 183 25.81 11.28 -8.84
N PHE A 184 26.92 12.03 -8.87
CA PHE A 184 26.90 13.39 -9.42
C PHE A 184 28.17 13.63 -10.21
N THR A 185 28.07 14.53 -11.18
CA THR A 185 29.23 15.02 -11.90
C THR A 185 29.57 16.38 -11.31
N TYR A 186 30.86 16.65 -11.11
CA TYR A 186 31.23 18.01 -10.75
C TYR A 186 32.42 18.51 -11.54
N THR A 187 32.40 19.80 -11.86
CA THR A 187 33.50 20.44 -12.57
C THR A 187 34.03 21.50 -11.62
N TYR A 188 35.32 21.47 -11.33
CA TYR A 188 35.87 22.26 -10.21
C TYR A 188 37.36 22.51 -10.38
N PRO A 189 37.84 23.72 -10.00
CA PRO A 189 37.05 24.90 -9.62
C PRO A 189 36.67 25.69 -10.87
N VAL A 190 35.52 26.34 -10.84
CA VAL A 190 35.09 27.12 -12.01
C VAL A 190 35.01 28.62 -11.75
N LYS A 191 35.26 29.35 -12.84
CA LYS A 191 35.47 30.80 -12.98
C LYS A 191 36.15 31.51 -11.82
N GLU B 10 -42.31 -27.33 -10.46
CA GLU B 10 -42.19 -27.15 -8.98
C GLU B 10 -41.00 -26.22 -8.62
N ALA B 11 -39.79 -26.56 -9.07
CA ALA B 11 -38.60 -25.75 -8.81
C ALA B 11 -38.62 -24.48 -9.63
N VAL B 12 -38.30 -23.36 -8.98
CA VAL B 12 -38.29 -22.06 -9.63
C VAL B 12 -36.88 -21.50 -9.53
N THR B 13 -36.40 -20.85 -10.57
CA THR B 13 -35.08 -20.22 -10.55
C THR B 13 -35.23 -18.69 -10.46
N LYS B 14 -34.51 -18.08 -9.51
CA LYS B 14 -34.49 -16.63 -9.33
C LYS B 14 -33.08 -16.11 -9.07
N THR B 15 -32.86 -14.85 -9.38
CA THR B 15 -31.64 -14.16 -8.95
C THR B 15 -31.98 -13.19 -7.81
N VAL B 16 -31.04 -13.02 -6.88
CA VAL B 16 -31.25 -12.22 -5.68
C VAL B 16 -30.00 -11.38 -5.52
N THR B 17 -30.19 -10.09 -5.20
CA THR B 17 -29.06 -9.22 -4.85
C THR B 17 -29.36 -8.64 -3.48
N ILE B 18 -28.37 -8.74 -2.59
CA ILE B 18 -28.50 -8.27 -1.21
C ILE B 18 -27.28 -7.44 -0.85
N ASP B 19 -27.51 -6.27 -0.27
CA ASP B 19 -26.38 -5.47 0.17
C ASP B 19 -25.90 -5.95 1.54
N ALA B 20 -24.79 -6.68 1.55
CA ALA B 20 -24.18 -7.19 2.79
C ALA B 20 -22.88 -6.42 3.11
N SER B 21 -22.85 -5.13 2.75
CA SER B 21 -21.59 -4.38 2.89
C SER B 21 -21.28 -4.01 4.35
N LYS B 22 -22.28 -4.04 5.23
CA LYS B 22 -22.07 -3.63 6.63
C LYS B 22 -21.25 -4.71 7.34
N TYR B 23 -20.23 -4.34 8.10
CA TYR B 23 -19.45 -5.33 8.82
C TYR B 23 -20.12 -5.86 10.11
N GLU B 24 -20.96 -5.03 10.72
CA GLU B 24 -21.44 -5.31 12.08
C GLU B 24 -22.57 -6.34 12.16
N THR B 25 -23.24 -6.57 11.04
CA THR B 25 -24.46 -7.39 11.01
C THR B 25 -24.46 -8.36 9.82
N TRP B 26 -25.48 -9.22 9.82
CA TRP B 26 -25.71 -10.19 8.75
C TRP B 26 -27.08 -9.90 8.15
N GLN B 27 -27.24 -10.25 6.87
CA GLN B 27 -28.51 -10.12 6.15
C GLN B 27 -29.06 -11.52 6.00
N TYR B 28 -30.28 -11.74 6.50
CA TYR B 28 -30.86 -13.08 6.56
C TYR B 28 -31.89 -13.23 5.46
N PHE B 29 -31.82 -14.36 4.75
CA PHE B 29 -32.68 -14.60 3.60
C PHE B 29 -33.49 -15.89 3.75
N SER B 30 -34.74 -15.85 3.28
CA SER B 30 -35.61 -17.01 3.26
C SER B 30 -35.80 -17.50 1.82
N PHE B 31 -35.45 -18.76 1.58
CA PHE B 31 -35.63 -19.38 0.26
C PHE B 31 -37.11 -19.36 -0.18
N SER B 32 -38.00 -19.78 0.71
CA SER B 32 -39.43 -19.89 0.37
C SER B 32 -40.07 -18.52 0.16
N LYS B 33 -39.70 -17.54 0.99
CA LYS B 33 -40.26 -16.20 0.84
C LYS B 33 -39.67 -15.43 -0.32
N GLY B 34 -38.43 -15.78 -0.67
CA GLY B 34 -37.68 -15.06 -1.70
C GLY B 34 -37.34 -13.62 -1.27
N GLU B 35 -37.25 -13.39 0.04
CA GLU B 35 -37.05 -12.05 0.60
C GLU B 35 -36.07 -12.09 1.76
N VAL B 36 -35.41 -10.96 2.01
CA VAL B 36 -34.68 -10.75 3.28
C VAL B 36 -35.71 -10.78 4.42
N VAL B 37 -35.35 -11.45 5.51
CA VAL B 37 -36.25 -11.51 6.68
C VAL B 37 -35.52 -10.90 7.88
N ASN B 38 -36.28 -10.37 8.85
CA ASN B 38 -35.69 -9.81 10.06
C ASN B 38 -35.47 -10.87 11.15
N VAL B 39 -34.24 -10.96 11.64
CA VAL B 39 -33.84 -12.01 12.57
C VAL B 39 -33.12 -11.42 13.77
N THR B 40 -33.71 -11.52 14.98
CA THR B 40 -33.08 -10.96 16.19
C THR B 40 -32.44 -12.02 17.07
N ASP B 41 -32.75 -13.28 16.80
CA ASP B 41 -32.25 -14.41 17.61
C ASP B 41 -31.89 -15.54 16.66
N TYR B 42 -30.80 -15.37 15.89
CA TYR B 42 -30.57 -16.24 14.73
C TYR B 42 -30.38 -17.71 15.11
N LYS B 43 -29.81 -17.95 16.29
CA LYS B 43 -29.56 -19.33 16.77
C LYS B 43 -30.81 -20.04 17.23
N ASN B 44 -31.95 -19.33 17.23
CA ASN B 44 -33.21 -19.88 17.73
C ASN B 44 -34.37 -19.43 16.85
N ASP B 45 -34.26 -19.68 15.54
CA ASP B 45 -35.19 -19.09 14.58
C ASP B 45 -35.07 -19.86 13.28
N LEU B 46 -36.14 -20.53 12.88
CA LEU B 46 -36.07 -21.33 11.66
C LEU B 46 -36.64 -20.62 10.43
N ASN B 47 -36.88 -19.31 10.57
CA ASN B 47 -37.45 -18.49 9.52
C ASN B 47 -36.43 -18.02 8.47
N TRP B 48 -35.15 -18.28 8.71
CA TRP B 48 -34.14 -17.93 7.72
C TRP B 48 -33.40 -19.17 7.23
N ASP B 49 -32.89 -19.11 5.98
CA ASP B 49 -32.17 -20.25 5.37
C ASP B 49 -30.71 -19.98 5.07
N MET B 50 -30.41 -18.74 4.71
CA MET B 50 -29.03 -18.37 4.35
C MET B 50 -28.80 -16.94 4.74
N ALA B 51 -27.62 -16.67 5.30
CA ALA B 51 -27.29 -15.30 5.73
C ALA B 51 -25.98 -14.88 5.14
N LEU B 52 -25.89 -13.58 4.86
CA LEU B 52 -24.70 -13.02 4.22
C LEU B 52 -24.10 -11.91 5.07
N HIS B 53 -22.78 -11.86 5.10
CA HIS B 53 -22.06 -10.76 5.78
C HIS B 53 -20.79 -10.57 4.99
N ARG B 54 -20.67 -9.42 4.34
CA ARG B 54 -19.57 -9.22 3.36
C ARG B 54 -19.52 -10.45 2.43
N TYR B 55 -18.41 -11.21 2.42
CA TYR B 55 -18.34 -12.39 1.54
C TYR B 55 -18.52 -13.69 2.30
N ASP B 56 -18.91 -13.59 3.57
CA ASP B 56 -19.24 -14.77 4.39
C ASP B 56 -20.68 -15.24 4.16
N VAL B 57 -20.90 -16.54 4.26
CA VAL B 57 -22.23 -17.13 4.15
C VAL B 57 -22.44 -18.06 5.36
N ARG B 58 -23.62 -17.96 5.95
CA ARG B 58 -24.03 -18.74 7.12
C ARG B 58 -25.33 -19.48 6.78
N LEU B 59 -25.46 -20.68 7.31
CA LEU B 59 -26.65 -21.51 7.10
C LEU B 59 -27.26 -21.87 8.45
N ASN B 60 -28.52 -22.30 8.44
CA ASN B 60 -29.25 -22.52 9.68
C ASN B 60 -29.02 -23.93 10.21
N CYS B 61 -27.88 -24.11 10.87
CA CYS B 61 -27.40 -25.44 11.27
C CYS B 61 -26.11 -25.30 12.04
N GLY B 62 -25.67 -26.40 12.64
CA GLY B 62 -24.33 -26.43 13.27
C GLY B 62 -24.16 -25.30 14.26
N GLU B 63 -23.03 -24.63 14.17
CA GLU B 63 -22.70 -23.54 15.10
C GLU B 63 -23.52 -22.26 14.88
N SER B 64 -24.31 -22.21 13.80
CA SER B 64 -25.07 -21.02 13.46
C SER B 64 -26.56 -21.11 13.74
N GLY B 65 -27.06 -22.28 14.06
CA GLY B 65 -28.51 -22.34 14.28
C GLY B 65 -29.01 -23.74 14.51
N LYS B 66 -30.32 -23.82 14.75
CA LYS B 66 -30.99 -25.07 15.14
C LYS B 66 -31.81 -25.73 14.02
N GLY B 67 -31.71 -25.20 12.81
CA GLY B 67 -32.39 -25.79 11.64
C GLY B 67 -31.71 -27.01 11.04
N LYS B 68 -32.25 -27.45 9.91
CA LYS B 68 -31.77 -28.63 9.18
C LYS B 68 -30.82 -28.27 8.03
N GLY B 69 -30.20 -27.11 8.11
CA GLY B 69 -29.36 -26.63 7.03
C GLY B 69 -28.05 -27.37 6.82
N GLY B 70 -27.38 -27.02 5.72
CA GLY B 70 -26.08 -27.57 5.40
C GLY B 70 -25.79 -27.37 3.93
N ALA B 71 -24.55 -27.64 3.52
CA ALA B 71 -24.14 -27.38 2.15
C ALA B 71 -23.21 -28.46 1.63
N VAL B 72 -23.32 -28.71 0.33
CA VAL B 72 -22.33 -29.54 -0.35
C VAL B 72 -21.97 -28.91 -1.69
N PHE B 73 -20.68 -28.91 -2.02
CA PHE B 73 -20.26 -28.47 -3.34
C PHE B 73 -20.56 -29.58 -4.37
N SER B 74 -21.28 -29.23 -5.44
CA SER B 74 -21.73 -30.18 -6.49
C SER B 74 -20.60 -30.76 -7.32
N GLY B 75 -19.44 -30.09 -7.31
CA GLY B 75 -18.34 -30.44 -8.22
C GLY B 75 -18.41 -29.63 -9.50
N LYS B 76 -19.49 -28.89 -9.71
CA LYS B 76 -19.79 -28.21 -10.99
C LYS B 76 -19.66 -26.69 -10.86
N THR B 77 -19.40 -26.03 -11.99
CA THR B 77 -19.36 -24.57 -12.09
C THR B 77 -20.43 -24.04 -13.06
N GLU B 78 -21.32 -24.93 -13.50
CA GLU B 78 -22.49 -24.55 -14.28
C GLU B 78 -23.74 -25.18 -13.68
N MET B 79 -24.75 -24.35 -13.46
CA MET B 79 -25.96 -24.79 -12.79
C MET B 79 -26.60 -26.01 -13.45
N ASP B 80 -26.71 -25.98 -14.77
CA ASP B 80 -27.44 -27.05 -15.47
C ASP B 80 -26.66 -28.36 -15.57
N GLN B 81 -25.38 -28.33 -15.18
CA GLN B 81 -24.59 -29.56 -15.07
C GLN B 81 -24.77 -30.25 -13.71
N ALA B 82 -25.27 -29.52 -12.72
CA ALA B 82 -25.50 -30.09 -11.40
C ALA B 82 -26.93 -30.63 -11.30
N THR B 83 -27.12 -31.89 -11.72
CA THR B 83 -28.47 -32.44 -11.89
C THR B 83 -28.85 -33.50 -10.87
N THR B 84 -27.87 -34.06 -10.19
CA THR B 84 -28.15 -35.00 -9.12
C THR B 84 -28.11 -34.29 -7.77
N VAL B 85 -29.25 -34.28 -7.09
CA VAL B 85 -29.37 -33.64 -5.80
C VAL B 85 -28.94 -34.63 -4.72
N PRO B 86 -27.88 -34.31 -3.96
CA PRO B 86 -27.42 -35.17 -2.87
C PRO B 86 -28.51 -35.36 -1.82
N THR B 87 -28.56 -36.55 -1.22
CA THR B 87 -29.50 -36.86 -0.14
C THR B 87 -28.81 -36.82 1.22
N ASP B 88 -27.49 -36.77 1.22
CA ASP B 88 -26.72 -36.64 2.46
C ASP B 88 -25.37 -35.97 2.23
N GLY B 89 -24.59 -35.83 3.29
CA GLY B 89 -23.29 -35.18 3.20
C GLY B 89 -23.34 -33.66 3.21
N TYR B 90 -24.43 -33.09 3.72
CA TYR B 90 -24.56 -31.62 3.83
C TYR B 90 -23.85 -31.08 5.06
N THR B 91 -22.69 -30.47 4.84
CA THR B 91 -21.81 -30.01 5.89
C THR B 91 -22.44 -28.85 6.65
N VAL B 92 -22.31 -28.91 7.96
CA VAL B 92 -22.95 -28.03 8.90
C VAL B 92 -21.98 -26.88 9.28
N ASP B 93 -22.52 -25.71 9.67
CA ASP B 93 -21.69 -24.55 10.01
C ASP B 93 -20.73 -24.80 11.17
N VAL B 94 -19.53 -24.24 11.09
CA VAL B 94 -18.51 -24.40 12.12
C VAL B 94 -18.10 -22.99 12.58
N LEU B 95 -17.33 -22.89 13.66
CA LEU B 95 -16.89 -21.57 14.12
C LEU B 95 -15.71 -21.07 13.30
N GLY B 96 -15.69 -19.78 12.99
CA GLY B 96 -14.58 -19.16 12.26
C GLY B 96 -14.56 -17.68 12.55
N ARG B 97 -13.51 -17.01 12.07
CA ARG B 97 -13.32 -15.60 12.33
C ARG B 97 -14.19 -14.76 11.41
N ILE B 98 -14.96 -13.86 11.99
CA ILE B 98 -15.84 -12.92 11.25
C ILE B 98 -15.37 -11.50 11.58
N THR B 99 -15.16 -10.70 10.54
CA THR B 99 -14.73 -9.32 10.72
C THR B 99 -15.96 -8.46 11.02
N VAL B 100 -16.01 -7.92 12.24
CA VAL B 100 -17.21 -7.19 12.67
C VAL B 100 -17.01 -5.68 12.76
N LYS B 101 -15.78 -5.23 12.55
CA LYS B 101 -15.51 -3.81 12.44
C LYS B 101 -14.35 -3.60 11.48
N TYR B 102 -14.42 -2.56 10.68
CA TYR B 102 -13.36 -2.25 9.72
C TYR B 102 -13.27 -0.74 9.59
N GLU B 103 -12.07 -0.18 9.73
CA GLU B 103 -11.89 1.24 9.51
C GLU B 103 -10.49 1.56 9.04
N MET B 104 -10.40 2.29 7.93
CA MET B 104 -9.13 2.77 7.43
C MET B 104 -8.65 3.98 8.25
N GLY B 105 -7.35 4.05 8.51
CA GLY B 105 -6.78 5.19 9.20
C GLY B 105 -5.30 5.25 8.87
N PRO B 106 -4.49 5.91 9.72
CA PRO B 106 -3.08 6.16 9.40
C PRO B 106 -2.24 4.87 9.39
N ASP B 107 -2.75 3.82 10.00
CA ASP B 107 -2.02 2.55 10.09
C ASP B 107 -2.66 1.49 9.21
N GLY B 108 -3.40 1.89 8.18
CA GLY B 108 -4.06 0.90 7.33
C GLY B 108 -5.46 0.56 7.82
N HIS B 109 -6.00 -0.55 7.32
CA HIS B 109 -7.32 -0.99 7.77
C HIS B 109 -7.27 -1.70 9.12
N GLN B 110 -7.87 -1.09 10.13
CA GLN B 110 -7.95 -1.68 11.46
C GLN B 110 -9.26 -2.45 11.57
N MET B 111 -9.17 -3.69 12.03
CA MET B 111 -10.35 -4.55 12.08
C MET B 111 -10.54 -5.12 13.48
N GLU B 112 -11.80 -5.47 13.79
CA GLU B 112 -12.13 -6.24 14.98
C GLU B 112 -12.87 -7.49 14.54
N TYR B 113 -12.75 -8.56 15.33
CA TYR B 113 -13.23 -9.88 14.91
C TYR B 113 -14.03 -10.55 16.02
N GLU B 114 -14.92 -11.47 15.64
CA GLU B 114 -15.54 -12.39 16.61
C GLU B 114 -15.52 -13.77 15.99
N GLU B 115 -15.44 -14.80 16.83
CA GLU B 115 -15.64 -16.16 16.35
C GLU B 115 -17.15 -16.39 16.31
N GLN B 116 -17.65 -16.75 15.13
CA GLN B 116 -19.06 -17.04 14.94
C GLN B 116 -19.20 -18.19 13.98
N GLY B 117 -20.42 -18.73 13.87
CA GLY B 117 -20.68 -19.80 12.94
C GLY B 117 -20.76 -19.31 11.51
N PHE B 118 -20.28 -20.12 10.57
CA PHE B 118 -20.43 -19.81 9.15
C PHE B 118 -20.31 -21.12 8.36
N SER B 119 -20.70 -21.08 7.08
CA SER B 119 -20.59 -22.24 6.20
C SER B 119 -19.22 -22.21 5.52
N GLU B 120 -18.32 -23.09 5.94
CA GLU B 120 -17.01 -23.14 5.33
C GLU B 120 -17.08 -23.63 3.88
N VAL B 121 -18.04 -24.52 3.58
CA VAL B 121 -18.23 -25.02 2.22
C VAL B 121 -18.53 -23.87 1.24
N ILE B 122 -19.45 -22.99 1.61
CA ILE B 122 -19.81 -21.88 0.73
C ILE B 122 -18.84 -20.70 0.83
N THR B 123 -18.44 -20.34 2.04
CA THR B 123 -17.57 -19.18 2.27
C THR B 123 -16.15 -19.44 1.79
N GLY B 124 -15.71 -20.68 1.94
CA GLY B 124 -14.28 -21.01 1.79
C GLY B 124 -13.64 -21.03 3.17
N LYS B 125 -12.40 -21.52 3.24
CA LYS B 125 -11.61 -21.54 4.49
C LYS B 125 -10.69 -20.33 4.53
N LYS B 126 -10.62 -19.65 5.68
CA LYS B 126 -9.75 -18.48 5.83
C LYS B 126 -8.36 -18.89 6.29
N ASN B 127 -7.33 -18.31 5.69
CA ASN B 127 -5.96 -18.70 6.06
C ASN B 127 -5.44 -17.82 7.18
N ALA B 128 -4.13 -17.89 7.43
CA ALA B 128 -3.51 -17.21 8.58
C ALA B 128 -3.72 -15.70 8.54
N GLN B 129 -3.71 -15.11 7.36
CA GLN B 129 -3.89 -13.66 7.26
C GLN B 129 -5.34 -13.25 7.02
N GLY B 130 -6.26 -14.22 6.98
CA GLY B 130 -7.68 -13.89 6.88
C GLY B 130 -8.31 -14.00 5.50
N PHE B 131 -7.54 -14.50 4.52
CA PHE B 131 -8.02 -14.60 3.13
C PHE B 131 -8.78 -15.91 2.93
N ALA B 132 -10.01 -15.83 2.41
CA ALA B 132 -10.82 -17.01 2.17
C ALA B 132 -10.70 -17.52 0.72
N SER B 133 -10.66 -18.85 0.55
CA SER B 133 -10.67 -19.48 -0.77
C SER B 133 -11.32 -20.84 -0.70
N GLY B 134 -11.72 -21.36 -1.86
CA GLY B 134 -12.29 -22.70 -1.94
C GLY B 134 -13.82 -22.71 -1.97
N GLY B 135 -14.44 -21.55 -1.74
CA GLY B 135 -15.91 -21.41 -1.76
C GLY B 135 -16.39 -20.61 -2.96
N TRP B 136 -17.27 -19.64 -2.74
CA TRP B 136 -17.85 -18.90 -3.85
C TRP B 136 -16.97 -17.78 -4.41
N LEU B 137 -16.01 -17.33 -3.62
CA LEU B 137 -15.19 -16.17 -4.00
C LEU B 137 -13.76 -16.38 -3.55
N GLU B 138 -12.84 -16.37 -4.50
CA GLU B 138 -11.42 -16.43 -4.18
C GLU B 138 -10.98 -14.99 -3.96
N PHE B 139 -10.69 -14.66 -2.71
CA PHE B 139 -10.32 -13.30 -2.35
C PHE B 139 -8.86 -13.27 -1.96
N SER B 140 -8.10 -12.35 -2.54
CA SER B 140 -6.68 -12.25 -2.17
C SER B 140 -6.29 -10.77 -2.20
N HIS B 141 -4.99 -10.50 -2.21
CA HIS B 141 -4.47 -9.17 -2.43
C HIS B 141 -3.33 -9.25 -3.41
N GLY B 142 -3.13 -8.15 -4.13
CA GLY B 142 -1.87 -7.86 -4.81
C GLY B 142 -0.96 -7.20 -3.80
N PRO B 143 0.08 -6.50 -4.28
CA PRO B 143 1.00 -5.85 -3.34
C PRO B 143 0.36 -4.76 -2.48
N ALA B 144 -0.79 -4.24 -2.91
CA ALA B 144 -1.35 -3.06 -2.23
C ALA B 144 -2.88 -2.99 -2.28
N GLY B 145 -3.54 -4.15 -2.23
CA GLY B 145 -4.99 -4.15 -2.11
C GLY B 145 -5.68 -5.36 -2.74
N PRO B 146 -7.00 -5.33 -2.80
CA PRO B 146 -7.82 -6.54 -2.99
C PRO B 146 -7.90 -7.04 -4.43
N THR B 147 -7.95 -8.36 -4.57
CA THR B 147 -8.28 -8.99 -5.84
C THR B 147 -9.44 -9.94 -5.61
N TYR B 148 -10.21 -10.19 -6.66
CA TYR B 148 -11.45 -10.97 -6.53
C TYR B 148 -11.58 -11.92 -7.70
N LYS B 149 -11.97 -13.16 -7.44
CA LYS B 149 -12.28 -14.09 -8.53
C LYS B 149 -13.49 -14.93 -8.16
N LEU B 150 -14.57 -14.77 -8.92
CA LEU B 150 -15.77 -15.59 -8.68
C LEU B 150 -15.42 -17.03 -9.06
N SER B 151 -15.68 -17.99 -8.18
CA SER B 151 -15.35 -19.40 -8.49
C SER B 151 -16.41 -20.04 -9.39
N LYS B 152 -17.62 -19.48 -9.36
CA LYS B 152 -18.79 -20.06 -10.02
C LYS B 152 -19.21 -21.46 -9.49
N ARG B 153 -18.65 -21.87 -8.34
CA ARG B 153 -19.04 -23.16 -7.74
C ARG B 153 -20.53 -23.25 -7.50
N VAL B 154 -21.11 -24.39 -7.85
CA VAL B 154 -22.53 -24.60 -7.67
C VAL B 154 -22.71 -25.44 -6.43
N PHE B 155 -23.53 -24.97 -5.50
CA PHE B 155 -23.75 -25.67 -4.23
C PHE B 155 -25.16 -26.19 -4.13
N PHE B 156 -25.32 -27.30 -3.42
CA PHE B 156 -26.64 -27.68 -2.92
C PHE B 156 -26.75 -27.25 -1.47
N VAL B 157 -27.83 -26.57 -1.14
CA VAL B 157 -27.93 -25.90 0.13
C VAL B 157 -29.27 -26.27 0.79
N ARG B 158 -29.21 -27.01 1.90
CA ARG B 158 -30.41 -27.33 2.69
C ARG B 158 -30.83 -26.10 3.50
N GLY B 159 -32.11 -25.73 3.40
CA GLY B 159 -32.68 -24.65 4.20
C GLY B 159 -33.02 -25.15 5.60
N ALA B 160 -33.59 -24.26 6.41
CA ALA B 160 -33.86 -24.56 7.81
C ALA B 160 -34.85 -25.72 7.96
N ASP B 161 -35.74 -25.89 6.97
CA ASP B 161 -36.77 -26.95 7.00
C ASP B 161 -36.36 -28.19 6.18
N GLY B 162 -35.12 -28.21 5.70
CA GLY B 162 -34.59 -29.35 4.95
C GLY B 162 -34.81 -29.32 3.46
N ASN B 163 -35.67 -28.42 2.97
CA ASN B 163 -35.81 -28.24 1.52
C ASN B 163 -34.49 -27.71 0.95
N ILE B 164 -34.14 -28.16 -0.26
CA ILE B 164 -32.85 -27.86 -0.86
C ILE B 164 -32.95 -26.83 -2.00
N ALA B 165 -31.99 -25.89 -2.01
CA ALA B 165 -31.79 -24.99 -3.13
C ALA B 165 -30.48 -25.34 -3.81
N LYS B 166 -30.46 -25.18 -5.13
CA LYS B 166 -29.22 -25.19 -5.89
C LYS B 166 -28.82 -23.71 -6.02
N VAL B 167 -27.58 -23.40 -5.60
CA VAL B 167 -27.15 -22.00 -5.46
C VAL B 167 -25.80 -21.75 -6.16
N GLN B 168 -25.74 -20.64 -6.91
CA GLN B 168 -24.47 -20.20 -7.53
C GLN B 168 -24.34 -18.69 -7.33
N PHE B 169 -23.22 -18.24 -6.78
CA PHE B 169 -23.01 -16.81 -6.53
C PHE B 169 -22.41 -16.18 -7.77
N THR B 170 -23.05 -15.14 -8.27
CA THR B 170 -22.66 -14.57 -9.57
C THR B 170 -22.01 -13.19 -9.51
N ASP B 171 -22.06 -12.50 -8.37
CA ASP B 171 -21.34 -11.23 -8.24
C ASP B 171 -21.09 -10.86 -6.79
N TYR B 172 -20.04 -10.06 -6.56
CA TYR B 172 -19.64 -9.60 -5.22
C TYR B 172 -19.70 -8.09 -5.11
N GLN B 173 -20.14 -7.43 -6.18
CA GLN B 173 -20.27 -5.96 -6.22
C GLN B 173 -21.48 -5.57 -7.04
N ASP B 174 -21.98 -4.35 -6.80
CA ASP B 174 -23.16 -3.91 -7.56
C ASP B 174 -22.75 -3.31 -8.92
N ALA B 175 -23.72 -2.76 -9.66
CA ALA B 175 -23.44 -2.20 -11.01
C ALA B 175 -22.65 -0.89 -10.97
N GLU B 176 -22.53 -0.31 -9.78
CA GLU B 176 -21.66 0.84 -9.54
C GLU B 176 -20.35 0.44 -8.88
N LEU B 177 -20.09 -0.87 -8.82
CA LEU B 177 -18.86 -1.45 -8.28
C LEU B 177 -18.73 -1.29 -6.75
N LYS B 178 -19.86 -1.07 -6.07
CA LYS B 178 -19.85 -1.09 -4.60
C LYS B 178 -19.62 -2.51 -4.09
N LYS B 179 -18.57 -2.70 -3.29
CA LYS B 179 -18.21 -4.04 -2.82
C LYS B 179 -19.10 -4.52 -1.68
N GLY B 180 -19.24 -5.84 -1.56
CA GLY B 180 -20.05 -6.43 -0.51
C GLY B 180 -21.53 -6.46 -0.83
N VAL B 181 -21.90 -6.14 -2.06
CA VAL B 181 -23.26 -6.32 -2.55
C VAL B 181 -23.29 -7.63 -3.34
N ILE B 182 -24.07 -8.60 -2.86
CA ILE B 182 -23.89 -10.00 -3.23
C ILE B 182 -25.06 -10.44 -4.09
N THR B 183 -24.75 -11.06 -5.22
CA THR B 183 -25.78 -11.59 -6.12
C THR B 183 -25.63 -13.08 -6.29
N PHE B 184 -26.74 -13.81 -6.16
CA PHE B 184 -26.73 -15.25 -6.42
C PHE B 184 -27.99 -15.69 -7.15
N THR B 185 -27.87 -16.80 -7.87
CA THR B 185 -28.99 -17.48 -8.46
C THR B 185 -29.35 -18.66 -7.55
N TYR B 186 -30.65 -18.86 -7.29
CA TYR B 186 -31.05 -20.09 -6.62
C TYR B 186 -32.23 -20.74 -7.30
N THR B 187 -32.20 -22.07 -7.34
CA THR B 187 -33.28 -22.87 -7.91
C THR B 187 -33.84 -23.70 -6.75
N TYR B 188 -35.14 -23.60 -6.51
CA TYR B 188 -35.70 -24.10 -5.26
C TYR B 188 -37.20 -24.36 -5.40
N PRO B 189 -37.71 -25.43 -4.75
CA PRO B 189 -36.95 -26.46 -4.04
C PRO B 189 -36.54 -27.56 -5.02
N VAL B 190 -35.36 -28.16 -4.83
CA VAL B 190 -34.93 -29.23 -5.73
C VAL B 190 -34.89 -30.56 -5.02
N LYS B 191 -35.05 -31.60 -5.84
CA LYS B 191 -35.40 -33.01 -5.53
C LYS B 191 -35.74 -33.39 -4.11
#